data_5IH6
#
_entry.id   5IH6
#
_cell.length_a   65.720
_cell.length_b   65.720
_cell.length_c   151.720
_cell.angle_alpha   90.000
_cell.angle_beta   90.000
_cell.angle_gamma   120.000
#
_symmetry.space_group_name_H-M   'P 31 2 1'
#
loop_
_entity.id
_entity.type
_entity.pdbx_description
1 polymer 'Casein kinase I isoform delta'
2 non-polymer 'ZINC ION'
3 non-polymer 'S,R MESO-TARTARIC ACID'
4 non-polymer 'SULFATE ION'
5 non-polymer 6-(3-bromophenyl)pteridine-2,4,7-triamine
6 water water
#
_entity_poly.entity_id   1
_entity_poly.type   'polypeptide(L)'
_entity_poly.pdbx_seq_one_letter_code
;MELRVGNRYRLGRKIGSGSFGDIYLGTDIAAGEEVAIKLECVKTKHPQLHIESKIYKMMQGGVGIPTIRWCGAEGDYNVM
VMELLGPSLEDLFNFCSRKFSLKTVLLLADQMISRIEYIHSKNFIHRDVKPDNFLMGLGKKGNLVYIIDFGLAKKYRDAR
THQHIPYRENKNLTGTARYASINTHLGIEQSRRDDLESLGYVLMYFNLGSLPWQGLKAATKRQKYERISEKKMSTPIEVL
CKGYPSEFATYLNFCRSLRFDDKPDYSYLRQLFRNLFHRQGFSYDYVFDWNMLK
;
_entity_poly.pdbx_strand_id   A
#
loop_
_chem_comp.id
_chem_comp.type
_chem_comp.name
_chem_comp.formula
AUG non-polymer 6-(3-bromophenyl)pteridine-2,4,7-triamine 'C12 H10 Br N7'
SO4 non-polymer 'SULFATE ION' 'O4 S -2'
SRT non-polymer 'S,R MESO-TARTARIC ACID' 'C4 H6 O6'
ZN non-polymer 'ZINC ION' 'Zn 2'
#
# COMPACT_ATOMS: atom_id res chain seq x y z
N GLU A 2 31.45 -2.58 10.32
CA GLU A 2 31.73 -2.08 8.93
C GLU A 2 31.25 -3.08 7.86
N LEU A 3 29.93 -3.27 7.80
CA LEU A 3 29.31 -4.35 7.04
C LEU A 3 29.12 -3.91 5.60
N ARG A 4 29.56 -4.74 4.66
CA ARG A 4 29.60 -4.35 3.25
C ARG A 4 28.89 -5.38 2.40
N VAL A 5 28.04 -4.93 1.50
CA VAL A 5 27.38 -5.82 0.58
C VAL A 5 28.29 -5.93 -0.64
N GLY A 6 29.15 -6.95 -0.58
CA GLY A 6 30.25 -7.14 -1.51
C GLY A 6 31.14 -5.91 -1.51
N ASN A 7 31.66 -5.56 -2.69
CA ASN A 7 32.36 -4.31 -2.94
C ASN A 7 31.52 -3.03 -2.92
N ARG A 8 30.36 -3.05 -3.55
CA ARG A 8 29.64 -1.81 -3.92
C ARG A 8 28.91 -1.03 -2.81
N TYR A 9 28.24 -1.72 -1.86
CA TYR A 9 27.40 -1.02 -0.86
C TYR A 9 27.85 -1.25 0.57
N ARG A 10 27.73 -0.22 1.41
CA ARG A 10 27.96 -0.37 2.83
C ARG A 10 26.63 -0.26 3.57
N LEU A 11 26.35 -1.26 4.41
CA LEU A 11 25.12 -1.31 5.20
C LEU A 11 25.10 -0.36 6.36
N GLY A 12 23.90 0.07 6.71
CA GLY A 12 23.61 1.05 7.77
C GLY A 12 22.49 0.50 8.65
N ARG A 13 21.79 1.40 9.34
CA ARG A 13 20.79 0.98 10.31
C ARG A 13 19.51 0.51 9.66
N LYS A 14 18.75 -0.27 10.42
CA LYS A 14 17.44 -0.71 10.01
C LYS A 14 16.55 0.54 9.91
N ILE A 15 15.81 0.61 8.81
CA ILE A 15 14.87 1.71 8.54
C ILE A 15 13.45 1.21 8.31
N GLY A 16 13.25 -0.10 8.20
CA GLY A 16 11.95 -0.60 7.87
C GLY A 16 11.82 -2.06 8.12
N SER A 17 10.57 -2.49 8.07
CA SER A 17 10.19 -3.86 8.30
C SER A 17 9.28 -4.22 7.12
N GLY A 18 9.64 -5.24 6.33
CA GLY A 18 8.82 -5.67 5.17
C GLY A 18 8.00 -6.93 5.46
N SER A 19 7.10 -7.32 4.56
CA SER A 19 6.33 -8.57 4.78
C SER A 19 7.26 -9.79 4.94
N PHE A 20 8.38 -9.79 4.22
CA PHE A 20 9.41 -10.82 4.30
C PHE A 20 10.76 -10.13 4.46
N GLY A 21 11.23 -9.98 5.69
CA GLY A 21 12.54 -9.35 5.93
C GLY A 21 12.58 -7.82 6.02
N ASP A 22 13.67 -7.32 6.61
CA ASP A 22 13.81 -5.91 6.96
C ASP A 22 14.61 -5.14 5.96
N ILE A 23 14.48 -3.82 6.06
CA ILE A 23 15.02 -2.85 5.12
C ILE A 23 16.04 -2.05 5.88
N TYR A 24 17.20 -1.92 5.24
CA TYR A 24 18.32 -1.22 5.82
C TYR A 24 18.73 -0.04 4.97
N LEU A 25 19.19 0.99 5.66
CA LEU A 25 19.79 2.16 5.01
C LEU A 25 21.15 1.73 4.43
N GLY A 26 21.46 2.11 3.21
CA GLY A 26 22.73 1.76 2.59
C GLY A 26 23.37 2.94 1.90
N THR A 27 24.64 2.76 1.54
CA THR A 27 25.36 3.72 0.70
C THR A 27 25.98 3.04 -0.53
N ASP A 28 25.84 3.67 -1.69
CA ASP A 28 26.58 3.24 -2.86
C ASP A 28 27.87 4.05 -2.84
N ILE A 29 28.99 3.39 -2.54
CA ILE A 29 30.24 4.09 -2.33
C ILE A 29 30.73 4.85 -3.57
N ALA A 30 30.66 4.22 -4.73
CA ALA A 30 31.12 4.87 -5.96
C ALA A 30 30.31 6.11 -6.28
N ALA A 31 28.98 5.98 -6.15
CA ALA A 31 28.06 7.09 -6.44
C ALA A 31 28.18 8.25 -5.45
N GLY A 32 28.39 7.93 -4.17
CA GLY A 32 28.18 8.90 -3.07
C GLY A 32 26.69 9.19 -2.85
N GLU A 33 25.92 8.15 -2.53
CA GLU A 33 24.46 8.16 -2.66
C GLU A 33 23.80 7.17 -1.67
N GLU A 34 22.75 7.60 -0.97
CA GLU A 34 22.04 6.69 -0.08
C GLU A 34 21.01 5.84 -0.84
N VAL A 35 20.80 4.60 -0.37
CA VAL A 35 19.84 3.65 -0.94
C VAL A 35 19.16 2.84 0.15
N ALA A 36 18.16 2.04 -0.22
CA ALA A 36 17.47 1.13 0.68
C ALA A 36 17.79 -0.28 0.23
N ILE A 37 18.14 -1.13 1.19
CA ILE A 37 18.66 -2.49 0.95
C ILE A 37 17.89 -3.55 1.70
N LYS A 38 17.51 -4.60 0.97
CA LYS A 38 16.88 -5.77 1.53
C LYS A 38 17.77 -7.01 1.31
N LEU A 39 17.88 -7.84 2.35
CA LEU A 39 18.72 -9.04 2.33
C LEU A 39 17.90 -10.25 2.58
N GLU A 40 18.27 -11.35 1.92
CA GLU A 40 17.67 -12.65 2.16
C GLU A 40 18.81 -13.69 2.18
N CYS A 41 18.79 -14.58 3.16
CA CYS A 41 19.79 -15.61 3.24
C CYS A 41 19.53 -16.59 2.14
N VAL A 42 20.56 -16.95 1.36
CA VAL A 42 20.34 -17.83 0.19
C VAL A 42 19.74 -19.19 0.61
N LYS A 43 20.01 -19.60 1.86
CA LYS A 43 19.48 -20.83 2.46
C LYS A 43 18.01 -20.80 2.87
N THR A 44 17.40 -19.61 2.90
CA THR A 44 15.98 -19.47 3.18
C THR A 44 15.17 -20.55 2.47
N LYS A 45 14.18 -21.07 3.18
CA LYS A 45 13.42 -22.25 2.79
C LYS A 45 12.61 -21.98 1.53
N HIS A 46 11.95 -20.83 1.51
CA HIS A 46 11.29 -20.31 0.31
C HIS A 46 11.74 -18.89 0.01
N PRO A 47 12.43 -18.70 -1.10
CA PRO A 47 13.01 -17.39 -1.44
C PRO A 47 12.09 -16.57 -2.33
N GLN A 48 11.79 -15.35 -1.92
CA GLN A 48 10.92 -14.47 -2.70
C GLN A 48 11.56 -13.16 -3.15
N LEU A 49 12.76 -12.86 -2.69
CA LEU A 49 13.35 -11.57 -3.01
C LEU A 49 13.46 -11.33 -4.51
N HIS A 50 13.90 -12.34 -5.27
CA HIS A 50 14.03 -12.20 -6.74
C HIS A 50 12.68 -12.14 -7.41
N ILE A 51 11.73 -12.95 -6.89
CA ILE A 51 10.32 -12.95 -7.29
C ILE A 51 9.66 -11.57 -7.12
N GLU A 52 9.89 -10.93 -5.98
CA GLU A 52 9.32 -9.64 -5.67
C GLU A 52 9.96 -8.56 -6.52
N SER A 53 11.27 -8.65 -6.74
CA SER A 53 11.99 -7.71 -7.66
C SER A 53 11.47 -7.75 -9.07
N LYS A 54 11.11 -8.94 -9.52
CA LYS A 54 10.57 -9.15 -10.87
C LYS A 54 9.29 -8.32 -11.05
N ILE A 55 8.41 -8.36 -10.03
CA ILE A 55 7.19 -7.58 -10.03
C ILE A 55 7.52 -6.10 -10.15
N TYR A 56 8.38 -5.58 -9.27
CA TYR A 56 8.78 -4.16 -9.31
C TYR A 56 9.24 -3.78 -10.70
N LYS A 57 10.10 -4.59 -11.29
CA LYS A 57 10.63 -4.31 -12.63
C LYS A 57 9.58 -4.42 -13.70
N MET A 58 8.59 -5.28 -13.52
CA MET A 58 7.50 -5.28 -14.48
C MET A 58 6.75 -3.97 -14.39
N MET A 59 6.58 -3.46 -13.16
CA MET A 59 5.85 -2.22 -12.91
C MET A 59 6.67 -0.98 -13.30
N GLN A 60 7.93 -1.12 -13.70
CA GLN A 60 8.82 0.04 -13.69
C GLN A 60 8.31 1.07 -14.69
N GLY A 61 8.56 2.35 -14.42
CA GLY A 61 8.01 3.42 -15.25
C GLY A 61 6.62 3.89 -14.84
N GLY A 62 5.79 3.00 -14.28
CA GLY A 62 4.57 3.41 -13.58
C GLY A 62 4.81 4.55 -12.58
N VAL A 63 3.85 5.46 -12.51
CA VAL A 63 3.96 6.57 -11.64
C VAL A 63 3.90 6.02 -10.19
N GLY A 64 4.86 6.45 -9.37
CA GLY A 64 4.84 6.09 -7.96
C GLY A 64 5.29 4.68 -7.63
N ILE A 65 6.03 4.06 -8.55
CA ILE A 65 6.65 2.76 -8.38
C ILE A 65 8.13 2.98 -8.20
N PRO A 66 8.70 2.46 -7.10
CA PRO A 66 10.12 2.65 -6.91
C PRO A 66 10.96 1.85 -7.88
N THR A 67 12.16 2.36 -8.11
CA THR A 67 13.07 1.78 -9.05
C THR A 67 14.06 0.92 -8.29
N ILE A 68 14.32 -0.26 -8.88
CA ILE A 68 15.31 -1.23 -8.41
C ILE A 68 16.69 -0.90 -9.02
N ARG A 69 17.70 -0.67 -8.17
CA ARG A 69 19.06 -0.38 -8.66
C ARG A 69 19.75 -1.71 -9.00
N TRP A 70 19.51 -2.72 -8.17
CA TRP A 70 20.11 -4.02 -8.35
C TRP A 70 19.35 -5.14 -7.67
N CYS A 71 19.30 -6.29 -8.33
CA CYS A 71 18.90 -7.55 -7.71
C CYS A 71 19.92 -8.63 -8.08
N GLY A 72 20.45 -9.35 -7.10
CA GLY A 72 21.26 -10.54 -7.38
C GLY A 72 21.77 -11.26 -6.15
N ALA A 73 22.59 -12.29 -6.38
CA ALA A 73 23.21 -13.04 -5.28
C ALA A 73 24.59 -12.45 -4.98
N GLU A 74 24.91 -12.31 -3.71
CA GLU A 74 26.23 -11.83 -3.29
C GLU A 74 26.62 -12.52 -1.99
N GLY A 75 27.64 -13.39 -2.05
CA GLY A 75 27.97 -14.25 -0.91
C GLY A 75 26.80 -15.15 -0.52
N ASP A 76 26.42 -15.10 0.76
CA ASP A 76 25.34 -15.93 1.28
C ASP A 76 24.00 -15.17 1.31
N TYR A 77 23.92 -14.05 0.59
CA TYR A 77 22.68 -13.28 0.48
C TYR A 77 22.19 -13.08 -0.92
N ASN A 78 20.87 -13.20 -1.06
CA ASN A 78 20.20 -12.53 -2.15
C ASN A 78 19.98 -11.09 -1.73
N VAL A 79 20.23 -10.17 -2.65
CA VAL A 79 20.16 -8.74 -2.36
C VAL A 79 19.25 -7.99 -3.34
N MET A 80 18.41 -7.12 -2.77
CA MET A 80 17.65 -6.09 -3.52
C MET A 80 18.01 -4.71 -2.99
N VAL A 81 18.52 -3.88 -3.90
CA VAL A 81 18.75 -2.44 -3.62
C VAL A 81 17.73 -1.60 -4.40
N MET A 82 17.01 -0.73 -3.69
CA MET A 82 16.13 0.23 -4.36
C MET A 82 16.40 1.67 -4.04
N GLU A 83 15.92 2.57 -4.91
CA GLU A 83 15.99 4.00 -4.67
C GLU A 83 15.39 4.32 -3.29
N LEU A 84 16.05 5.22 -2.58
CA LEU A 84 15.55 5.67 -1.29
C LEU A 84 14.38 6.67 -1.43
N LEU A 85 13.33 6.45 -0.65
CA LEU A 85 12.10 7.24 -0.68
C LEU A 85 11.96 7.87 0.69
N GLY A 86 10.95 8.73 0.80
CA GLY A 86 10.66 9.47 1.99
C GLY A 86 9.84 8.63 2.94
N PRO A 87 9.31 9.26 3.99
CA PRO A 87 8.59 8.58 5.09
C PRO A 87 7.29 7.95 4.64
N SER A 88 6.80 6.92 5.34
CA SER A 88 5.51 6.34 5.06
C SER A 88 4.37 7.22 5.56
N LEU A 89 3.16 6.95 5.07
CA LEU A 89 2.02 7.70 5.53
C LEU A 89 1.75 7.45 7.02
N GLU A 90 2.13 6.28 7.56
CA GLU A 90 1.95 6.03 8.99
C GLU A 90 2.87 6.96 9.79
N ASP A 91 4.12 7.04 9.38
CA ASP A 91 5.12 7.93 10.01
C ASP A 91 4.58 9.38 10.05
N LEU A 92 4.12 9.83 8.89
CA LEU A 92 3.61 11.20 8.76
C LEU A 92 2.30 11.45 9.55
N PHE A 93 1.50 10.39 9.65
CA PHE A 93 0.30 10.42 10.44
C PHE A 93 0.63 10.76 11.90
N ASN A 94 1.61 10.04 12.45
CA ASN A 94 2.09 10.33 13.81
C ASN A 94 2.66 11.73 14.05
N PHE A 95 3.41 12.27 13.09
CA PHE A 95 3.83 13.67 13.13
C PHE A 95 2.69 14.70 13.02
N CYS A 96 1.54 14.30 12.48
CA CYS A 96 0.40 15.20 12.34
C CYS A 96 -0.65 14.96 13.43
N SER A 97 -0.20 14.53 14.61
CA SER A 97 -1.08 14.27 15.74
C SER A 97 -2.13 13.21 15.47
N ARG A 98 -1.85 12.30 14.53
CA ARG A 98 -2.75 11.19 14.16
C ARG A 98 -4.15 11.66 13.72
N LYS A 99 -4.18 12.75 12.97
CA LYS A 99 -5.40 13.23 12.32
C LYS A 99 -4.97 13.98 11.07
N PHE A 100 -5.52 13.61 9.92
CA PHE A 100 -5.25 14.37 8.69
C PHE A 100 -6.45 15.28 8.41
N SER A 101 -6.19 16.47 7.91
CA SER A 101 -7.23 17.33 7.36
C SER A 101 -7.88 16.69 6.13
N LEU A 102 -9.12 17.06 5.86
CA LEU A 102 -9.88 16.50 4.78
C LEU A 102 -9.14 16.74 3.46
N LYS A 103 -8.57 17.93 3.30
CA LYS A 103 -7.79 18.23 2.08
C LYS A 103 -6.68 17.18 1.84
N THR A 104 -5.93 16.84 2.90
CA THR A 104 -4.82 15.89 2.81
C THR A 104 -5.34 14.50 2.47
N VAL A 105 -6.38 14.08 3.16
CA VAL A 105 -7.01 12.77 2.87
C VAL A 105 -7.47 12.65 1.41
N LEU A 106 -8.06 13.71 0.89
CA LEU A 106 -8.53 13.75 -0.49
C LEU A 106 -7.41 13.74 -1.49
N LEU A 107 -6.36 14.51 -1.23
CA LEU A 107 -5.21 14.52 -2.10
C LEU A 107 -4.54 13.13 -2.14
N LEU A 108 -4.48 12.48 -0.96
CA LEU A 108 -3.94 11.14 -0.85
C LEU A 108 -4.82 10.17 -1.61
N ALA A 109 -6.12 10.23 -1.41
CA ALA A 109 -6.98 9.23 -1.99
C ALA A 109 -6.87 9.20 -3.53
N ASP A 110 -6.71 10.34 -4.16
CA ASP A 110 -6.63 10.35 -5.59
C ASP A 110 -5.45 9.50 -6.05
N GLN A 111 -4.31 9.82 -5.47
CA GLN A 111 -3.11 9.14 -5.85
C GLN A 111 -3.16 7.68 -5.45
N MET A 112 -3.64 7.40 -4.25
CA MET A 112 -3.63 6.03 -3.82
C MET A 112 -4.56 5.19 -4.72
N ILE A 113 -5.71 5.72 -5.12
CA ILE A 113 -6.56 4.99 -6.01
C ILE A 113 -5.84 4.75 -7.35
N SER A 114 -5.17 5.76 -7.86
CA SER A 114 -4.44 5.52 -9.09
C SER A 114 -3.38 4.47 -8.95
N ARG A 115 -2.68 4.42 -7.81
CA ARG A 115 -1.61 3.42 -7.70
C ARG A 115 -2.25 2.06 -7.78
N ILE A 116 -3.34 1.88 -7.05
CA ILE A 116 -3.91 0.58 -7.04
C ILE A 116 -4.41 0.22 -8.44
N GLU A 117 -4.93 1.18 -9.14
CA GLU A 117 -5.43 0.93 -10.46
C GLU A 117 -4.32 0.49 -11.43
N TYR A 118 -3.14 1.08 -11.31
CA TYR A 118 -2.05 0.75 -12.22
C TYR A 118 -1.54 -0.67 -11.97
N ILE A 119 -1.45 -1.04 -10.70
CA ILE A 119 -1.02 -2.39 -10.35
C ILE A 119 -2.01 -3.42 -10.93
N HIS A 120 -3.32 -3.15 -10.83
CA HIS A 120 -4.38 -4.00 -11.41
C HIS A 120 -4.28 -4.13 -12.92
N SER A 121 -3.82 -3.05 -13.58
CA SER A 121 -3.61 -3.02 -15.03
C SER A 121 -2.47 -3.91 -15.45
N LYS A 122 -1.54 -4.16 -14.52
CA LYS A 122 -0.40 -5.08 -14.69
C LYS A 122 -0.63 -6.46 -14.17
N ASN A 123 -1.88 -6.77 -13.86
CA ASN A 123 -2.40 -8.12 -13.63
C ASN A 123 -2.11 -8.63 -12.24
N PHE A 124 -1.77 -7.70 -11.35
CA PHE A 124 -1.50 -8.05 -9.97
C PHE A 124 -2.48 -7.33 -9.07
N ILE A 125 -2.72 -8.00 -7.93
CA ILE A 125 -3.29 -7.43 -6.73
C ILE A 125 -2.20 -7.40 -5.62
N HIS A 126 -2.32 -6.42 -4.73
CA HIS A 126 -1.29 -6.12 -3.76
C HIS A 126 -1.49 -6.96 -2.50
N ARG A 127 -2.70 -6.96 -1.98
CA ARG A 127 -3.18 -7.79 -0.83
C ARG A 127 -2.75 -7.35 0.57
N ASP A 128 -1.92 -6.30 0.67
CA ASP A 128 -1.58 -5.64 1.93
C ASP A 128 -1.56 -4.12 1.79
N VAL A 129 -2.72 -3.57 1.45
CA VAL A 129 -2.91 -2.14 1.31
C VAL A 129 -3.04 -1.57 2.71
N LYS A 130 -2.11 -0.66 3.04
CA LYS A 130 -2.04 -0.08 4.38
C LYS A 130 -1.12 1.16 4.43
N PRO A 131 -1.26 2.01 5.45
CA PRO A 131 -0.47 3.25 5.47
C PRO A 131 1.03 3.06 5.42
N ASP A 132 1.54 1.99 6.04
CA ASP A 132 2.96 1.68 5.98
C ASP A 132 3.49 1.37 4.59
N ASN A 133 2.64 0.86 3.70
CA ASN A 133 3.02 0.54 2.32
C ASN A 133 2.82 1.65 1.30
N PHE A 134 2.60 2.89 1.77
CA PHE A 134 2.66 4.07 0.94
C PHE A 134 3.69 5.04 1.49
N LEU A 135 4.55 5.52 0.61
CA LEU A 135 5.70 6.34 0.96
C LEU A 135 5.75 7.58 0.07
N MET A 136 6.13 8.70 0.65
CA MET A 136 6.35 9.90 -0.14
C MET A 136 7.69 9.87 -0.83
N GLY A 137 7.79 10.53 -1.97
CA GLY A 137 9.07 10.64 -2.70
C GLY A 137 9.99 11.68 -2.06
N LEU A 138 11.18 11.81 -2.63
CA LEU A 138 12.17 12.78 -2.16
C LEU A 138 12.32 13.89 -3.18
N GLY A 139 12.78 15.03 -2.66
CA GLY A 139 13.07 16.22 -3.46
C GLY A 139 11.91 16.68 -4.32
N LYS A 140 12.11 16.57 -5.62
CA LYS A 140 11.14 17.08 -6.58
C LYS A 140 9.93 16.15 -6.63
N LYS A 141 10.10 14.91 -6.12
CA LYS A 141 9.02 13.92 -6.03
C LYS A 141 8.38 13.83 -4.63
N GLY A 142 8.67 14.79 -3.74
CA GLY A 142 8.10 14.83 -2.39
C GLY A 142 6.58 14.90 -2.29
N ASN A 143 5.97 15.32 -3.40
CA ASN A 143 4.52 15.41 -3.56
CA ASN A 143 4.51 15.41 -3.53
C ASN A 143 3.88 14.13 -4.08
N LEU A 144 4.71 13.13 -4.41
CA LEU A 144 4.24 11.88 -5.05
C LEU A 144 4.17 10.76 -4.03
N VAL A 145 3.04 10.08 -4.02
CA VAL A 145 2.80 8.91 -3.21
C VAL A 145 3.29 7.67 -4.00
N TYR A 146 4.21 6.92 -3.38
CA TYR A 146 4.66 5.64 -3.90
C TYR A 146 3.97 4.49 -3.19
N ILE A 147 3.80 3.40 -3.91
CA ILE A 147 3.34 2.16 -3.31
C ILE A 147 4.54 1.18 -3.25
N ILE A 148 4.69 0.52 -2.10
CA ILE A 148 5.74 -0.46 -1.93
C ILE A 148 5.26 -1.81 -1.39
N ASP A 149 6.19 -2.76 -1.42
CA ASP A 149 6.07 -4.08 -0.82
C ASP A 149 5.14 -5.00 -1.59
N PHE A 150 5.69 -5.78 -2.51
CA PHE A 150 4.90 -6.73 -3.27
C PHE A 150 5.08 -8.18 -2.82
N GLY A 151 5.37 -8.39 -1.56
CA GLY A 151 5.67 -9.69 -1.02
C GLY A 151 4.46 -10.56 -0.89
N LEU A 152 3.32 -9.93 -0.67
CA LEU A 152 2.05 -10.67 -0.65
C LEU A 152 1.28 -10.59 -1.94
N ALA A 153 1.87 -9.95 -2.96
CA ALA A 153 1.22 -9.60 -4.19
C ALA A 153 1.08 -10.85 -5.02
N LYS A 154 0.04 -10.93 -5.82
CA LYS A 154 -0.31 -12.16 -6.50
C LYS A 154 -0.88 -11.78 -7.82
N LYS A 155 -0.67 -12.61 -8.84
CA LYS A 155 -1.24 -12.37 -10.16
C LYS A 155 -2.73 -12.83 -10.19
N TYR A 156 -3.70 -11.97 -10.57
CA TYR A 156 -5.15 -12.31 -10.48
C TYR A 156 -5.70 -12.73 -11.88
N ARG A 157 -4.95 -12.40 -12.93
CA ARG A 157 -5.30 -12.85 -14.25
C ARG A 157 -4.08 -13.11 -15.13
N ASP A 158 -4.20 -14.12 -15.98
CA ASP A 158 -3.19 -14.39 -16.99
C ASP A 158 -3.03 -13.15 -17.87
N ALA A 159 -1.77 -12.82 -18.17
CA ALA A 159 -1.40 -11.65 -18.99
C ALA A 159 -1.95 -11.68 -20.41
N ARG A 160 -1.84 -12.81 -21.10
CA ARG A 160 -2.29 -12.84 -22.49
C ARG A 160 -3.82 -13.03 -22.60
N THR A 161 -4.33 -14.13 -22.03
CA THR A 161 -5.76 -14.50 -22.10
C THR A 161 -6.67 -13.66 -21.17
N HIS A 162 -6.11 -13.10 -20.10
CA HIS A 162 -6.93 -12.41 -19.09
C HIS A 162 -7.84 -13.38 -18.30
N GLN A 163 -7.60 -14.68 -18.38
CA GLN A 163 -8.33 -15.63 -17.54
C GLN A 163 -8.13 -15.26 -16.07
N HIS A 164 -9.21 -14.94 -15.39
CA HIS A 164 -9.19 -14.55 -13.98
C HIS A 164 -9.00 -15.77 -13.12
N ILE A 165 -8.30 -15.60 -12.01
CA ILE A 165 -8.11 -16.69 -11.04
C ILE A 165 -9.44 -17.23 -10.49
N PRO A 166 -9.47 -18.51 -10.09
CA PRO A 166 -10.71 -19.10 -9.62
C PRO A 166 -11.14 -18.61 -8.25
N TYR A 167 -12.44 -18.50 -8.09
CA TYR A 167 -13.04 -18.32 -6.78
C TYR A 167 -12.66 -19.49 -5.84
N ARG A 168 -12.22 -19.16 -4.63
CA ARG A 168 -12.01 -20.14 -3.57
C ARG A 168 -12.43 -19.60 -2.24
N GLU A 169 -12.54 -20.52 -1.28
CA GLU A 169 -12.86 -20.19 0.10
C GLU A 169 -11.86 -20.88 1.05
N ASN A 170 -12.13 -20.78 2.35
CA ASN A 170 -11.31 -21.35 3.43
C ASN A 170 -9.85 -20.86 3.42
N LYS A 171 -9.62 -19.63 2.96
CA LYS A 171 -8.27 -19.07 2.84
C LYS A 171 -7.81 -18.51 4.19
N ASN A 172 -6.54 -18.69 4.53
CA ASN A 172 -5.98 -17.97 5.67
C ASN A 172 -5.70 -16.51 5.30
N LEU A 173 -5.89 -15.64 6.29
CA LEU A 173 -5.83 -14.21 6.06
C LEU A 173 -4.41 -13.84 5.61
N THR A 174 -4.31 -13.07 4.54
CA THR A 174 -3.02 -12.46 4.18
C THR A 174 -3.21 -10.96 4.31
N GLY A 175 -2.20 -10.30 4.88
CA GLY A 175 -2.25 -8.87 5.14
C GLY A 175 -2.62 -8.53 6.56
N THR A 176 -2.70 -7.25 6.86
CA THR A 176 -3.05 -6.77 8.20
C THR A 176 -4.54 -6.86 8.43
N ALA A 177 -4.92 -7.37 9.60
CA ALA A 177 -6.33 -7.60 9.92
C ALA A 177 -7.09 -6.27 9.95
N ARG A 178 -6.44 -5.23 10.46
CA ARG A 178 -7.06 -3.91 10.56
C ARG A 178 -7.70 -3.37 9.27
N TYR A 179 -7.06 -3.56 8.12
CA TYR A 179 -7.52 -2.98 6.87
C TYR A 179 -8.06 -4.06 5.95
N ALA A 180 -8.18 -5.28 6.45
CA ALA A 180 -8.64 -6.36 5.59
C ALA A 180 -10.12 -6.17 5.25
N SER A 181 -10.49 -6.63 4.05
CA SER A 181 -11.87 -6.60 3.61
C SER A 181 -12.72 -7.63 4.38
N ILE A 182 -14.02 -7.43 4.41
CA ILE A 182 -14.91 -8.34 5.09
C ILE A 182 -14.84 -9.72 4.49
N ASN A 183 -14.78 -9.79 3.18
CA ASN A 183 -14.67 -11.08 2.50
C ASN A 183 -13.35 -11.79 2.77
N THR A 184 -12.31 -11.02 2.99
CA THR A 184 -11.04 -11.58 3.37
C THR A 184 -11.13 -12.25 4.75
N HIS A 185 -11.85 -11.62 5.68
CA HIS A 185 -12.12 -12.18 7.01
C HIS A 185 -12.99 -13.42 6.97
N LEU A 186 -13.80 -13.53 5.95
CA LEU A 186 -14.61 -14.71 5.71
C LEU A 186 -13.87 -15.83 4.95
N GLY A 187 -12.56 -15.68 4.75
CA GLY A 187 -11.78 -16.68 4.01
C GLY A 187 -11.92 -16.75 2.49
N ILE A 188 -12.51 -15.73 1.87
CA ILE A 188 -12.61 -15.71 0.40
C ILE A 188 -11.30 -15.31 -0.25
N GLU A 189 -11.01 -15.94 -1.38
CA GLU A 189 -9.87 -15.54 -2.23
C GLU A 189 -9.93 -14.02 -2.49
N GLN A 190 -8.85 -13.29 -2.23
CA GLN A 190 -8.79 -11.84 -2.53
C GLN A 190 -8.73 -11.53 -4.03
N SER A 191 -9.35 -10.44 -4.44
CA SER A 191 -9.35 -9.98 -5.85
C SER A 191 -9.28 -8.45 -5.88
N ARG A 192 -9.49 -7.84 -7.05
CA ARG A 192 -9.36 -6.38 -7.14
C ARG A 192 -10.23 -5.59 -6.14
N ARG A 193 -11.47 -6.04 -5.93
CA ARG A 193 -12.37 -5.36 -4.96
C ARG A 193 -11.73 -5.15 -3.60
N ASP A 194 -10.90 -6.10 -3.18
CA ASP A 194 -10.42 -6.16 -1.82
C ASP A 194 -9.30 -5.15 -1.60
N ASP A 195 -8.53 -4.86 -2.64
CA ASP A 195 -7.51 -3.82 -2.55
C ASP A 195 -8.22 -2.51 -2.33
N LEU A 196 -9.32 -2.29 -3.05
CA LEU A 196 -10.02 -1.03 -3.00
C LEU A 196 -10.77 -0.90 -1.70
N GLU A 197 -11.42 -1.97 -1.22
CA GLU A 197 -12.09 -1.91 0.06
C GLU A 197 -11.12 -1.52 1.20
N SER A 198 -9.93 -2.12 1.26
CA SER A 198 -8.90 -1.79 2.23
C SER A 198 -8.48 -0.36 2.18
N LEU A 199 -8.32 0.17 0.97
CA LEU A 199 -8.03 1.59 0.80
C LEU A 199 -9.11 2.48 1.44
N GLY A 200 -10.37 2.05 1.34
CA GLY A 200 -11.45 2.73 2.02
C GLY A 200 -11.26 2.80 3.52
N TYR A 201 -10.83 1.68 4.13
CA TYR A 201 -10.62 1.67 5.60
C TYR A 201 -9.40 2.53 5.90
N VAL A 202 -8.40 2.49 5.04
CA VAL A 202 -7.26 3.38 5.24
C VAL A 202 -7.68 4.84 5.24
N LEU A 203 -8.55 5.25 4.31
CA LEU A 203 -8.98 6.68 4.29
C LEU A 203 -9.81 7.06 5.54
N MET A 204 -10.68 6.18 6.00
CA MET A 204 -11.43 6.46 7.18
C MET A 204 -10.59 6.49 8.46
N TYR A 205 -9.59 5.61 8.52
CA TYR A 205 -8.54 5.64 9.53
C TYR A 205 -7.87 6.98 9.61
N PHE A 206 -7.54 7.58 8.47
CA PHE A 206 -6.94 8.92 8.42
C PHE A 206 -7.90 10.02 8.86
N ASN A 207 -9.19 9.88 8.54
CA ASN A 207 -10.21 10.86 9.00
C ASN A 207 -10.45 10.77 10.51
N LEU A 208 -10.60 9.54 11.00
CA LEU A 208 -10.93 9.30 12.39
C LEU A 208 -9.75 9.34 13.39
N GLY A 209 -8.54 8.97 12.97
CA GLY A 209 -7.43 8.73 13.91
C GLY A 209 -7.34 7.27 14.33
N SER A 210 -8.41 6.50 14.10
CA SER A 210 -8.53 5.20 14.70
C SER A 210 -9.78 4.55 14.17
N LEU A 211 -9.77 3.23 14.03
CA LEU A 211 -10.96 2.47 13.67
C LEU A 211 -11.62 1.78 14.87
N PRO A 212 -12.95 1.61 14.81
CA PRO A 212 -13.71 1.00 15.89
C PRO A 212 -13.23 -0.39 16.28
N TRP A 213 -12.53 -1.08 15.38
CA TRP A 213 -12.03 -2.43 15.66
C TRP A 213 -10.57 -2.44 16.14
N GLN A 214 -9.96 -1.27 16.24
CA GLN A 214 -8.71 -1.16 16.98
C GLN A 214 -8.95 -1.28 18.48
N GLY A 215 -7.91 -1.72 19.19
CA GLY A 215 -7.86 -1.70 20.67
C GLY A 215 -8.95 -2.46 21.42
N LEU A 216 -9.08 -3.76 21.16
CA LEU A 216 -10.13 -4.57 21.77
C LEU A 216 -9.62 -5.40 22.97
N GLN A 223 -8.74 -15.92 19.15
CA GLN A 223 -9.70 -14.99 19.73
C GLN A 223 -9.72 -13.63 19.00
N LYS A 224 -8.52 -13.07 18.81
CA LYS A 224 -8.33 -11.70 18.34
C LYS A 224 -8.89 -11.45 16.95
N TYR A 225 -8.58 -12.35 16.02
CA TYR A 225 -9.05 -12.20 14.65
C TYR A 225 -10.55 -12.30 14.48
N GLU A 226 -11.17 -13.22 15.22
CA GLU A 226 -12.63 -13.36 15.27
C GLU A 226 -13.28 -12.11 15.86
N ARG A 227 -12.60 -11.48 16.80
CA ARG A 227 -13.08 -10.28 17.51
C ARG A 227 -13.12 -9.04 16.61
N ILE A 228 -12.06 -8.81 15.82
CA ILE A 228 -12.02 -7.74 14.80
C ILE A 228 -13.06 -7.99 13.70
N SER A 229 -13.04 -9.19 13.13
CA SER A 229 -14.03 -9.57 12.13
C SER A 229 -15.47 -9.27 12.57
N GLU A 230 -15.81 -9.66 13.80
CA GLU A 230 -17.12 -9.40 14.42
C GLU A 230 -17.44 -7.91 14.44
N LYS A 231 -16.60 -7.16 15.15
CA LYS A 231 -16.77 -5.72 15.26
C LYS A 231 -16.89 -5.09 13.87
N LYS A 232 -16.01 -5.48 12.93
CA LYS A 232 -16.04 -4.99 11.53
C LYS A 232 -17.35 -5.30 10.81
N MET A 233 -17.84 -6.52 10.97
CA MET A 233 -19.14 -6.91 10.41
C MET A 233 -20.34 -6.30 11.20
N SER A 234 -20.16 -6.07 12.50
CA SER A 234 -21.17 -5.40 13.36
C SER A 234 -21.31 -3.90 13.19
N THR A 235 -20.31 -3.25 12.62
CA THR A 235 -20.35 -1.80 12.45
C THR A 235 -20.82 -1.46 11.04
N PRO A 236 -22.03 -0.90 10.91
CA PRO A 236 -22.48 -0.48 9.59
C PRO A 236 -21.68 0.73 9.05
N ILE A 237 -21.55 0.75 7.73
CA ILE A 237 -20.82 1.80 7.03
C ILE A 237 -21.29 3.21 7.44
N GLU A 238 -22.62 3.41 7.49
CA GLU A 238 -23.17 4.69 7.95
C GLU A 238 -22.69 5.09 9.33
N VAL A 239 -22.59 4.12 10.24
CA VAL A 239 -22.09 4.34 11.60
C VAL A 239 -20.60 4.71 11.53
N LEU A 240 -19.81 3.88 10.82
CA LEU A 240 -18.37 4.09 10.67
C LEU A 240 -18.07 5.48 10.14
N CYS A 241 -18.83 5.93 9.14
CA CYS A 241 -18.53 7.21 8.44
C CYS A 241 -19.30 8.46 8.88
N LYS A 242 -20.14 8.34 9.92
CA LYS A 242 -20.92 9.47 10.47
C LYS A 242 -20.09 10.71 10.82
N GLY A 243 -20.52 11.87 10.33
CA GLY A 243 -19.81 13.12 10.53
C GLY A 243 -18.74 13.42 9.51
N TYR A 244 -18.65 12.60 8.46
CA TYR A 244 -17.67 12.79 7.40
C TYR A 244 -18.47 12.80 6.10
N PRO A 245 -17.96 13.48 5.04
CA PRO A 245 -18.64 13.53 3.77
C PRO A 245 -19.12 12.18 3.30
N SER A 246 -20.34 12.14 2.75
CA SER A 246 -20.97 10.90 2.30
C SER A 246 -20.11 10.10 1.32
N GLU A 247 -19.19 10.75 0.59
CA GLU A 247 -18.31 10.06 -0.35
C GLU A 247 -17.54 8.88 0.21
N PHE A 248 -17.10 8.99 1.46
CA PHE A 248 -16.40 7.89 2.13
C PHE A 248 -17.29 6.64 2.33
N ALA A 249 -18.56 6.83 2.68
CA ALA A 249 -19.52 5.73 2.73
C ALA A 249 -19.86 5.24 1.32
N THR A 250 -20.03 6.15 0.38
CA THR A 250 -20.37 5.73 -0.99
C THR A 250 -19.24 4.90 -1.53
N TYR A 251 -17.99 5.32 -1.30
CA TYR A 251 -16.82 4.53 -1.71
C TYR A 251 -16.87 3.10 -1.17
N LEU A 252 -17.10 2.96 0.14
CA LEU A 252 -17.15 1.65 0.79
C LEU A 252 -18.29 0.83 0.33
N ASN A 253 -19.48 1.41 0.19
CA ASN A 253 -20.62 0.62 -0.31
C ASN A 253 -20.38 0.13 -1.70
N PHE A 254 -19.77 0.93 -2.56
CA PHE A 254 -19.49 0.48 -3.91
C PHE A 254 -18.52 -0.72 -3.91
N CYS A 255 -17.43 -0.60 -3.16
CA CYS A 255 -16.43 -1.66 -3.08
C CYS A 255 -17.07 -2.96 -2.57
N ARG A 256 -17.88 -2.87 -1.52
CA ARG A 256 -18.56 -4.05 -0.97
C ARG A 256 -19.65 -4.61 -1.88
N SER A 257 -20.12 -3.84 -2.86
CA SER A 257 -21.08 -4.35 -3.82
C SER A 257 -20.42 -5.25 -4.82
N LEU A 258 -19.12 -5.07 -5.06
CA LEU A 258 -18.47 -5.67 -6.21
C LEU A 258 -18.41 -7.17 -6.07
N ARG A 259 -18.74 -7.90 -7.15
CA ARG A 259 -18.56 -9.36 -7.17
C ARG A 259 -17.07 -9.74 -7.43
N PHE A 260 -16.75 -11.03 -7.22
CA PHE A 260 -15.36 -11.50 -7.13
C PHE A 260 -14.47 -11.10 -8.31
N ASP A 261 -14.94 -11.37 -9.50
CA ASP A 261 -14.13 -11.10 -10.67
C ASP A 261 -14.46 -9.77 -11.37
N ASP A 262 -15.29 -8.93 -10.72
CA ASP A 262 -15.67 -7.66 -11.33
C ASP A 262 -14.50 -6.68 -11.45
N LYS A 263 -14.45 -6.00 -12.59
CA LYS A 263 -13.58 -4.84 -12.76
C LYS A 263 -14.14 -3.57 -12.03
N PRO A 264 -13.39 -3.01 -11.07
CA PRO A 264 -13.86 -1.76 -10.45
C PRO A 264 -13.86 -0.55 -11.42
N ASP A 265 -14.71 0.44 -11.12
CA ASP A 265 -14.74 1.71 -11.88
C ASP A 265 -13.88 2.72 -11.12
N TYR A 266 -12.60 2.73 -11.47
CA TYR A 266 -11.63 3.58 -10.74
C TYR A 266 -11.93 5.06 -10.98
N SER A 267 -12.38 5.41 -12.18
CA SER A 267 -12.76 6.81 -12.50
C SER A 267 -13.93 7.33 -11.67
N TYR A 268 -14.98 6.54 -11.56
CA TYR A 268 -16.07 6.88 -10.68
C TYR A 268 -15.59 7.20 -9.29
N LEU A 269 -14.76 6.35 -8.70
CA LEU A 269 -14.33 6.52 -7.29
C LEU A 269 -13.43 7.75 -7.16
N ARG A 270 -12.55 7.97 -8.14
CA ARG A 270 -11.73 9.18 -8.11
C ARG A 270 -12.61 10.43 -8.22
N GLN A 271 -13.62 10.35 -9.09
CA GLN A 271 -14.48 11.50 -9.36
C GLN A 271 -15.30 11.90 -8.13
N LEU A 272 -15.75 10.92 -7.35
CA LEU A 272 -16.45 11.23 -6.13
C LEU A 272 -15.59 12.21 -5.30
N PHE A 273 -14.32 11.91 -5.14
CA PHE A 273 -13.48 12.70 -4.26
C PHE A 273 -13.03 13.99 -4.94
N ARG A 274 -12.85 13.98 -6.26
CA ARG A 274 -12.56 15.20 -6.99
C ARG A 274 -13.69 16.18 -6.90
N ASN A 275 -14.94 15.72 -7.00
CA ASN A 275 -16.03 16.66 -6.89
C ASN A 275 -16.10 17.26 -5.50
N LEU A 276 -15.93 16.42 -4.50
CA LEU A 276 -15.96 16.88 -3.12
C LEU A 276 -14.84 17.91 -2.90
N PHE A 277 -13.67 17.65 -3.46
CA PHE A 277 -12.54 18.58 -3.40
C PHE A 277 -12.94 19.98 -3.93
N HIS A 278 -13.60 20.01 -5.08
CA HIS A 278 -14.09 21.24 -5.66
C HIS A 278 -15.11 21.96 -4.75
N ARG A 279 -16.06 21.21 -4.19
CA ARG A 279 -17.11 21.82 -3.37
C ARG A 279 -16.56 22.40 -2.08
N GLN A 280 -15.44 21.88 -1.61
CA GLN A 280 -14.79 22.36 -0.37
C GLN A 280 -13.89 23.57 -0.67
N GLY A 281 -13.65 23.89 -1.93
CA GLY A 281 -12.80 25.05 -2.29
C GLY A 281 -11.29 24.98 -2.13
N PHE A 282 -10.74 23.78 -1.94
CA PHE A 282 -9.32 23.56 -1.66
C PHE A 282 -8.47 23.87 -2.88
N SER A 283 -7.26 24.33 -2.62
CA SER A 283 -6.29 24.51 -3.69
C SER A 283 -5.66 23.16 -4.04
N TYR A 284 -5.64 22.80 -5.33
CA TYR A 284 -4.89 21.62 -5.79
C TYR A 284 -3.38 21.95 -5.91
N ASP A 285 -2.74 22.18 -4.75
CA ASP A 285 -1.37 22.67 -4.67
C ASP A 285 -0.38 21.63 -4.08
N TYR A 286 -0.87 20.40 -3.88
CA TYR A 286 -0.10 19.35 -3.21
C TYR A 286 0.60 19.79 -1.92
N VAL A 287 -0.04 20.64 -1.15
CA VAL A 287 0.47 21.08 0.14
C VAL A 287 -0.25 20.23 1.20
N PHE A 288 0.46 19.21 1.67
CA PHE A 288 -0.03 18.29 2.67
C PHE A 288 0.14 18.83 4.10
N ASP A 289 -0.60 18.22 5.02
CA ASP A 289 -0.53 18.67 6.39
C ASP A 289 0.88 18.77 6.93
N TRP A 290 1.73 17.82 6.56
CA TRP A 290 3.10 17.78 7.04
C TRP A 290 4.00 18.86 6.47
N ASN A 291 3.65 19.38 5.29
CA ASN A 291 4.35 20.56 4.76
C ASN A 291 3.97 21.78 5.56
N MET A 292 2.81 21.75 6.20
CA MET A 292 2.37 22.91 7.00
C MET A 292 3.01 22.93 8.38
N LEU A 293 3.85 21.94 8.69
CA LEU A 293 4.44 21.80 10.03
C LEU A 293 5.68 22.68 10.09
ZN ZN B . 17.28 -11.20 -8.93
O1 SRT C . 16.47 -10.15 -11.24
O11 SRT C . 18.48 -10.24 -10.61
C1 SRT C . 17.65 -10.08 -11.50
C2 SRT C . 18.01 -9.78 -12.92
O2 SRT C . 19.38 -9.38 -13.04
C3 SRT C . 17.79 -11.02 -13.78
O3 SRT C . 16.42 -11.47 -13.77
C4 SRT C . 18.19 -10.73 -15.21
O4 SRT C . 19.43 -10.75 -15.46
O41 SRT C . 17.27 -10.48 -16.05
S SO4 D . -1.83 -17.77 -1.90
O1 SO4 D . -1.90 -19.20 -1.42
O2 SO4 D . -0.69 -17.02 -1.29
O3 SO4 D . -1.76 -17.79 -3.41
O4 SO4 D . -3.08 -17.13 -1.42
S SO4 E . -5.41 -3.61 16.03
O1 SO4 E . -4.22 -2.72 15.80
O2 SO4 E . -5.01 -5.02 16.12
O3 SO4 E . -6.42 -3.59 14.92
O4 SO4 E . -6.04 -3.21 17.32
N01 AUG F . 13.02 4.77 1.83
C02 AUG F . 12.56 4.84 3.10
N03 AUG F . 11.95 3.85 3.71
C04 AUG F . 11.77 2.69 2.99
C05 AUG F . 12.21 2.56 1.69
C06 AUG F . 12.87 3.64 1.08
N07 AUG F . 11.15 1.66 3.64
C08 AUG F . 10.98 0.51 2.91
C09 AUG F . 11.40 0.43 1.55
N10 AUG F . 12.08 1.43 0.98
C11 AUG F . 11.30 -0.87 0.85
C12 AUG F . 10.23 -1.74 0.92
C13 AUG F . 10.31 -3.01 0.33
C14 AUG F . 11.53 -3.43 -0.27
C15 AUG F . 12.67 -2.55 -0.25
C16 AUG F . 12.53 -1.29 0.33
N17 AUG F . 13.26 3.41 -0.27
N18 AUG F . 12.69 6.01 3.93
N19 AUG F . 10.28 -0.59 3.51
BR AUG F . 14.49 -2.89 -1.00
#